data_1SWW
#
_entry.id   1SWW
#
_cell.length_a   63.815
_cell.length_b   62.520
_cell.length_c   72.618
_cell.angle_alpha   90.00
_cell.angle_beta   108.03
_cell.angle_gamma   90.00
#
_symmetry.space_group_name_H-M   'P 1 21 1'
#
loop_
_entity.id
_entity.type
_entity.pdbx_description
1 polymer 'phosphonoacetaldehyde hydrolase'
2 non-polymer 'MAGNESIUM ION'
3 non-polymer PHOSPHONOACETALDEHYDE
4 water water
#
_entity_poly.entity_id   1
_entity_poly.type   'polypeptide(L)'
_entity_poly.pdbx_seq_one_letter_code
;MDRMKIEAVIFAWAGTTVDYGCFAPLEVFMEIFHKRGVAITAEEARKPMGLLKIDHVRALTEMPRIASEWNRVFRQLPTE
ADIQEMYEEFEEILFAILPRYASPINGVKEVIASLRERGIKIGSTTGYTREMMDIVAKEAALQGYKPDFLVTPDDVPAGR
PYPWMCYKNAMELGVYPMNHMIKVGDTVSDMKEGRNAGMWTVGVILGSSELGLTEEEVENMDSVELREKIEVVRNRFVEN
GAHFTIETMQELESVMEHIEKQELIIS
;
_entity_poly.pdbx_strand_id   A,B
#
loop_
_chem_comp.id
_chem_comp.type
_chem_comp.name
_chem_comp.formula
MG non-polymer 'MAGNESIUM ION' 'Mg 2'
POA non-polymer PHOSPHONOACETALDEHYDE 'C2 H5 O4 P'
#
# COMPACT_ATOMS: atom_id res chain seq x y z
N LYS A 5 -17.14 5.21 3.99
CA LYS A 5 -17.46 3.75 3.94
C LYS A 5 -16.28 2.81 4.20
N ILE A 6 -16.38 2.03 5.28
CA ILE A 6 -15.35 1.07 5.60
C ILE A 6 -15.66 -0.16 4.74
N GLU A 7 -14.74 -0.51 3.85
CA GLU A 7 -14.95 -1.65 2.97
C GLU A 7 -14.27 -2.92 3.45
N ALA A 8 -13.27 -2.75 4.32
CA ALA A 8 -12.53 -3.90 4.85
C ALA A 8 -11.97 -3.67 6.24
N VAL A 9 -11.84 -4.77 6.99
CA VAL A 9 -11.26 -4.71 8.33
C VAL A 9 -10.07 -5.66 8.29
N ILE A 10 -8.92 -5.19 8.74
CA ILE A 10 -7.71 -6.02 8.77
C ILE A 10 -7.45 -6.42 10.22
N PHE A 11 -7.51 -7.73 10.46
CA PHE A 11 -7.31 -8.25 11.80
C PHE A 11 -5.95 -8.82 12.07
N ALA A 12 -5.52 -8.64 13.30
CA ALA A 12 -4.28 -9.20 13.78
C ALA A 12 -4.69 -10.66 14.06
N TRP A 13 -3.74 -11.51 14.42
CA TRP A 13 -4.11 -12.88 14.72
C TRP A 13 -4.05 -13.18 16.21
N ALA A 14 -2.87 -13.52 16.74
CA ALA A 14 -2.71 -13.84 18.15
C ALA A 14 -3.18 -12.63 18.96
N GLY A 15 -3.90 -12.88 20.04
CA GLY A 15 -4.40 -11.80 20.88
C GLY A 15 -5.52 -10.98 20.25
N THR A 16 -5.94 -11.31 19.02
CA THR A 16 -7.00 -10.58 18.35
C THR A 16 -8.10 -11.48 17.78
N THR A 17 -7.73 -12.53 17.04
CA THR A 17 -8.72 -13.46 16.48
C THR A 17 -8.59 -14.85 17.09
N VAL A 18 -7.36 -15.21 17.47
CA VAL A 18 -7.07 -16.50 18.08
C VAL A 18 -6.16 -16.31 19.30
N ASP A 19 -6.02 -17.37 20.11
CA ASP A 19 -5.13 -17.34 21.27
C ASP A 19 -5.45 -16.21 22.26
N TYR A 20 -6.43 -16.45 23.14
CA TYR A 20 -6.84 -15.46 24.12
C TYR A 20 -5.69 -15.12 25.07
N GLY A 21 -5.25 -13.87 25.03
CA GLY A 21 -4.16 -13.42 25.87
C GLY A 21 -2.81 -13.60 25.22
N CYS A 22 -2.80 -14.09 23.98
CA CYS A 22 -1.56 -14.31 23.24
C CYS A 22 -0.53 -15.02 24.11
N PHE A 23 -0.85 -16.23 24.56
CA PHE A 23 0.05 -17.00 25.42
C PHE A 23 1.04 -17.90 24.73
N ALA A 24 0.75 -18.30 23.50
CA ALA A 24 1.64 -19.17 22.75
C ALA A 24 3.11 -18.72 22.77
N PRO A 25 3.39 -17.45 22.44
CA PRO A 25 4.77 -16.95 22.44
C PRO A 25 5.34 -16.56 23.80
N LEU A 26 4.48 -16.19 24.74
CA LEU A 26 4.91 -15.77 26.07
C LEU A 26 5.87 -16.71 26.79
N GLU A 27 5.46 -17.94 27.03
CA GLU A 27 6.33 -18.88 27.74
C GLU A 27 7.56 -19.29 26.95
N VAL A 28 7.45 -19.31 25.62
CA VAL A 28 8.57 -19.68 24.76
C VAL A 28 9.63 -18.60 24.83
N PHE A 29 9.18 -17.34 24.81
CA PHE A 29 10.09 -16.20 24.88
C PHE A 29 10.90 -16.22 26.16
N MET A 30 10.24 -16.54 27.26
CA MET A 30 10.92 -16.61 28.55
C MET A 30 11.84 -17.83 28.64
N GLU A 31 11.38 -18.95 28.08
CA GLU A 31 12.15 -20.20 28.08
C GLU A 31 13.53 -20.04 27.43
N ILE A 32 13.59 -19.42 26.25
CA ILE A 32 14.86 -19.24 25.55
C ILE A 32 15.87 -18.32 26.25
N PHE A 33 15.39 -17.48 27.16
CA PHE A 33 16.26 -16.58 27.92
C PHE A 33 16.66 -17.19 29.25
N HIS A 34 15.75 -17.96 29.83
CA HIS A 34 15.97 -18.63 31.11
C HIS A 34 17.12 -19.63 31.02
N LYS A 35 17.14 -20.39 29.94
CA LYS A 35 18.15 -21.41 29.66
C LYS A 35 19.56 -20.80 29.52
N ARG A 36 19.67 -19.49 29.75
CA ARG A 36 20.96 -18.82 29.61
C ARG A 36 21.29 -17.89 30.78
N GLY A 37 20.47 -17.95 31.83
CA GLY A 37 20.70 -17.12 33.01
C GLY A 37 19.86 -15.86 33.10
N VAL A 38 19.45 -15.33 31.96
CA VAL A 38 18.63 -14.11 31.92
C VAL A 38 17.16 -14.40 32.16
N ALA A 39 16.67 -14.01 33.33
CA ALA A 39 15.28 -14.22 33.69
C ALA A 39 14.42 -13.00 33.37
N ILE A 40 14.04 -12.86 32.11
CA ILE A 40 13.21 -11.74 31.69
C ILE A 40 11.83 -11.86 32.30
N THR A 41 11.12 -10.75 32.43
CA THR A 41 9.78 -10.78 33.00
C THR A 41 8.75 -10.97 31.90
N ALA A 42 7.51 -11.25 32.31
CA ALA A 42 6.42 -11.44 31.36
C ALA A 42 6.09 -10.13 30.66
N GLU A 43 6.25 -9.04 31.40
CA GLU A 43 5.98 -7.70 30.89
C GLU A 43 6.98 -7.28 29.82
N GLU A 44 8.23 -7.68 29.98
CA GLU A 44 9.23 -7.36 28.98
C GLU A 44 9.01 -8.25 27.76
N ALA A 45 8.68 -9.51 28.01
CA ALA A 45 8.44 -10.45 26.95
C ALA A 45 7.27 -10.02 26.07
N ARG A 46 6.33 -9.29 26.65
CA ARG A 46 5.15 -8.80 25.94
C ARG A 46 5.30 -7.45 25.26
N LYS A 47 6.30 -6.67 25.64
CA LYS A 47 6.50 -5.36 25.06
C LYS A 47 6.58 -5.33 23.52
N PRO A 48 7.41 -6.18 22.90
CA PRO A 48 7.44 -6.13 21.44
C PRO A 48 6.48 -7.07 20.70
N MET A 49 5.49 -7.59 21.41
CA MET A 49 4.50 -8.50 20.82
C MET A 49 3.80 -7.89 19.61
N GLY A 50 3.76 -8.65 18.52
CA GLY A 50 3.12 -8.16 17.31
C GLY A 50 4.09 -8.11 16.15
N LEU A 51 5.36 -7.81 16.44
CA LEU A 51 6.37 -7.77 15.39
C LEU A 51 6.69 -9.22 15.02
N LEU A 52 7.42 -9.39 13.92
CA LEU A 52 7.85 -10.72 13.49
C LEU A 52 8.59 -11.32 14.69
N LYS A 53 8.34 -12.60 14.95
CA LYS A 53 8.93 -13.28 16.10
C LYS A 53 10.43 -13.09 16.29
N ILE A 54 11.18 -13.14 15.19
CA ILE A 54 12.63 -12.96 15.25
C ILE A 54 12.98 -11.52 15.62
N ASP A 55 12.18 -10.57 15.14
CA ASP A 55 12.38 -9.16 15.45
C ASP A 55 12.09 -8.97 16.94
N HIS A 56 11.15 -9.78 17.45
CA HIS A 56 10.74 -9.75 18.84
C HIS A 56 11.88 -10.22 19.74
N VAL A 57 12.56 -11.29 19.32
CA VAL A 57 13.69 -11.83 20.05
C VAL A 57 14.76 -10.75 20.15
N ARG A 58 15.04 -10.12 19.00
CA ARG A 58 16.02 -9.05 18.92
C ARG A 58 15.62 -7.88 19.81
N ALA A 59 14.37 -7.47 19.72
CA ALA A 59 13.88 -6.35 20.54
C ALA A 59 14.12 -6.66 22.02
N LEU A 60 13.93 -7.91 22.43
CA LEU A 60 14.16 -8.30 23.82
C LEU A 60 15.63 -8.13 24.21
N THR A 61 16.54 -8.59 23.35
CA THR A 61 17.97 -8.47 23.63
C THR A 61 18.40 -7.00 23.63
N GLU A 62 17.57 -6.15 23.02
CA GLU A 62 17.84 -4.72 22.92
C GLU A 62 17.54 -3.97 24.22
N MET A 63 16.53 -4.45 24.94
CA MET A 63 16.12 -3.84 26.20
C MET A 63 17.29 -3.80 27.18
N PRO A 64 17.60 -2.61 27.71
CA PRO A 64 18.69 -2.38 28.67
C PRO A 64 18.78 -3.43 29.76
N ARG A 65 17.69 -3.62 30.50
CA ARG A 65 17.61 -4.58 31.60
C ARG A 65 17.98 -6.01 31.17
N ILE A 66 17.54 -6.41 29.98
CA ILE A 66 17.83 -7.75 29.45
C ILE A 66 19.25 -7.83 28.91
N ALA A 67 19.73 -6.72 28.34
CA ALA A 67 21.08 -6.65 27.81
C ALA A 67 22.04 -6.55 28.99
N SER A 68 21.58 -5.90 30.06
CA SER A 68 22.35 -5.71 31.29
C SER A 68 22.79 -7.07 31.84
N GLU A 69 21.82 -7.96 32.01
CA GLU A 69 22.09 -9.31 32.50
C GLU A 69 23.10 -9.99 31.59
N TRP A 70 22.64 -10.32 30.38
CA TRP A 70 23.43 -11.00 29.34
C TRP A 70 24.90 -10.59 29.26
N ASN A 71 25.16 -9.29 29.28
CA ASN A 71 26.52 -8.79 29.23
C ASN A 71 27.27 -9.25 30.46
N ARG A 72 26.73 -8.91 31.62
CA ARG A 72 27.32 -9.29 32.90
C ARG A 72 27.53 -10.80 33.05
N VAL A 73 26.67 -11.58 32.39
CA VAL A 73 26.78 -13.04 32.45
C VAL A 73 27.87 -13.54 31.50
N PHE A 74 27.51 -13.62 30.21
CA PHE A 74 28.41 -14.10 29.17
C PHE A 74 29.64 -13.19 28.94
N ARG A 75 29.74 -12.13 29.73
CA ARG A 75 30.85 -11.17 29.65
C ARG A 75 30.83 -10.32 28.38
N GLN A 76 29.72 -10.41 27.65
CA GLN A 76 29.52 -9.65 26.40
C GLN A 76 28.01 -9.51 26.11
N LEU A 77 27.65 -8.51 25.30
CA LEU A 77 26.27 -8.28 24.93
C LEU A 77 25.85 -9.22 23.80
N PRO A 78 24.54 -9.51 23.67
CA PRO A 78 24.00 -10.40 22.63
C PRO A 78 24.46 -10.04 21.22
N THR A 79 24.76 -11.07 20.42
CA THR A 79 25.20 -10.87 19.05
C THR A 79 24.21 -11.59 18.13
N GLU A 80 24.27 -11.32 16.83
CA GLU A 80 23.38 -11.95 15.85
C GLU A 80 23.34 -13.47 15.97
N ALA A 81 24.38 -14.03 16.58
CA ALA A 81 24.49 -15.47 16.80
C ALA A 81 23.55 -15.89 17.92
N ASP A 82 23.53 -15.11 19.00
CA ASP A 82 22.70 -15.38 20.16
C ASP A 82 21.22 -15.24 19.84
N ILE A 83 20.88 -14.28 18.97
CA ILE A 83 19.51 -14.04 18.58
C ILE A 83 19.01 -15.21 17.72
N GLN A 84 19.77 -15.51 16.67
CA GLN A 84 19.45 -16.58 15.72
C GLN A 84 19.30 -17.94 16.40
N GLU A 85 20.15 -18.17 17.39
CA GLU A 85 20.14 -19.42 18.14
C GLU A 85 18.89 -19.57 19.00
N MET A 86 18.52 -18.50 19.71
CA MET A 86 17.33 -18.53 20.55
C MET A 86 16.06 -18.61 19.72
N TYR A 87 16.06 -17.93 18.58
CA TYR A 87 14.89 -17.93 17.70
C TYR A 87 14.70 -19.33 17.15
N GLU A 88 15.81 -20.00 16.91
CA GLU A 88 15.84 -21.35 16.40
C GLU A 88 15.10 -22.24 17.39
N GLU A 89 15.44 -22.09 18.67
CA GLU A 89 14.81 -22.85 19.73
C GLU A 89 13.36 -22.40 19.86
N PHE A 90 13.15 -21.10 19.68
CA PHE A 90 11.82 -20.51 19.75
C PHE A 90 10.92 -21.27 18.79
N GLU A 91 11.39 -21.50 17.57
CA GLU A 91 10.61 -22.22 16.58
C GLU A 91 10.33 -23.66 16.95
N GLU A 92 11.37 -24.37 17.37
CA GLU A 92 11.21 -25.77 17.75
C GLU A 92 10.20 -25.95 18.87
N ILE A 93 10.21 -25.06 19.84
CA ILE A 93 9.28 -25.13 20.96
C ILE A 93 7.91 -24.59 20.55
N LEU A 94 7.92 -23.54 19.73
CA LEU A 94 6.68 -22.91 19.26
C LEU A 94 5.87 -23.86 18.39
N PHE A 95 6.52 -24.46 17.39
CA PHE A 95 5.84 -25.38 16.48
C PHE A 95 5.13 -26.56 17.13
N ALA A 96 5.69 -27.09 18.21
CA ALA A 96 5.10 -28.22 18.91
C ALA A 96 3.78 -27.90 19.61
N ILE A 97 3.68 -26.69 20.17
CA ILE A 97 2.47 -26.29 20.88
C ILE A 97 1.53 -25.41 20.06
N LEU A 98 2.04 -24.81 18.99
CA LEU A 98 1.28 -23.92 18.12
C LEU A 98 -0.14 -24.38 17.78
N PRO A 99 -0.33 -25.66 17.44
CA PRO A 99 -1.67 -26.16 17.12
C PRO A 99 -2.68 -25.91 18.24
N ARG A 100 -2.17 -25.81 19.47
CA ARG A 100 -2.99 -25.58 20.66
C ARG A 100 -3.40 -24.13 20.85
N TYR A 101 -2.73 -23.20 20.18
CA TYR A 101 -3.05 -21.78 20.33
C TYR A 101 -3.62 -21.11 19.08
N ALA A 102 -4.52 -21.82 18.42
CA ALA A 102 -5.18 -21.32 17.22
C ALA A 102 -6.69 -21.29 17.40
N SER A 103 -7.14 -21.31 18.65
CA SER A 103 -8.56 -21.28 18.94
C SER A 103 -9.12 -19.88 18.85
N PRO A 104 -10.13 -19.67 17.98
CA PRO A 104 -10.75 -18.36 17.81
C PRO A 104 -11.23 -17.83 19.15
N ILE A 105 -10.84 -16.59 19.47
CA ILE A 105 -11.23 -15.95 20.70
C ILE A 105 -12.78 -15.85 20.73
N ASN A 106 -13.33 -16.17 21.89
CA ASN A 106 -14.77 -16.18 22.18
C ASN A 106 -15.78 -15.63 21.16
N GLY A 107 -15.93 -14.32 21.07
CA GLY A 107 -16.92 -13.78 20.12
C GLY A 107 -16.47 -13.22 18.78
N VAL A 108 -15.28 -13.58 18.33
CA VAL A 108 -14.77 -13.08 17.06
C VAL A 108 -15.51 -13.62 15.82
N LYS A 109 -15.82 -14.91 15.81
CA LYS A 109 -16.49 -15.53 14.67
C LYS A 109 -17.82 -14.88 14.30
N GLU A 110 -18.63 -14.53 15.30
CA GLU A 110 -19.89 -13.88 15.01
C GLU A 110 -19.68 -12.49 14.41
N VAL A 111 -18.65 -11.77 14.84
CA VAL A 111 -18.37 -10.45 14.28
C VAL A 111 -17.91 -10.59 12.83
N ILE A 112 -17.11 -11.62 12.57
CA ILE A 112 -16.61 -11.89 11.22
C ILE A 112 -17.78 -12.19 10.29
N ALA A 113 -18.68 -13.04 10.74
CA ALA A 113 -19.86 -13.40 9.96
C ALA A 113 -20.74 -12.18 9.75
N SER A 114 -20.81 -11.32 10.76
CA SER A 114 -21.61 -10.12 10.64
C SER A 114 -21.03 -9.18 9.59
N LEU A 115 -19.70 -9.01 9.61
CA LEU A 115 -19.05 -8.13 8.65
C LEU A 115 -19.24 -8.65 7.22
N ARG A 116 -19.21 -9.97 7.05
CA ARG A 116 -19.38 -10.55 5.72
C ARG A 116 -20.78 -10.35 5.14
N GLU A 117 -21.81 -10.50 5.98
CA GLU A 117 -23.19 -10.30 5.56
C GLU A 117 -23.32 -8.92 4.90
N ARG A 118 -22.60 -7.94 5.45
CA ARG A 118 -22.60 -6.57 4.95
C ARG A 118 -21.67 -6.38 3.75
N GLY A 119 -20.92 -7.43 3.39
CA GLY A 119 -20.02 -7.33 2.25
C GLY A 119 -18.68 -6.69 2.56
N ILE A 120 -18.30 -6.67 3.83
CA ILE A 120 -17.02 -6.11 4.23
C ILE A 120 -15.95 -7.19 4.13
N LYS A 121 -14.88 -6.87 3.41
CA LYS A 121 -13.76 -7.78 3.22
C LYS A 121 -13.09 -8.05 4.57
N ILE A 122 -12.51 -9.24 4.72
CA ILE A 122 -11.82 -9.60 5.95
C ILE A 122 -10.35 -9.90 5.69
N GLY A 123 -9.49 -8.93 6.00
CA GLY A 123 -8.06 -9.09 5.80
C GLY A 123 -7.37 -9.36 7.13
N SER A 124 -6.08 -9.64 7.09
CA SER A 124 -5.36 -9.91 8.33
C SER A 124 -3.86 -9.85 8.17
N THR A 125 -3.18 -9.35 9.20
CA THR A 125 -1.73 -9.24 9.21
C THR A 125 -1.29 -10.07 10.40
N THR A 126 0.02 -10.32 10.53
CA THR A 126 0.49 -11.16 11.61
C THR A 126 1.92 -10.93 12.09
N GLY A 127 2.22 -11.55 13.23
CA GLY A 127 3.57 -11.48 13.79
C GLY A 127 4.23 -12.82 13.48
N TYR A 128 3.39 -13.82 13.23
CA TYR A 128 3.84 -15.17 12.91
C TYR A 128 4.34 -15.25 11.49
N THR A 129 5.32 -16.13 11.26
CA THR A 129 5.87 -16.32 9.92
C THR A 129 4.85 -17.13 9.11
N ARG A 130 5.05 -17.22 7.80
CA ARG A 130 4.16 -17.98 6.92
C ARG A 130 4.11 -19.45 7.35
N GLU A 131 5.28 -20.01 7.64
CA GLU A 131 5.41 -21.40 8.09
C GLU A 131 4.57 -21.65 9.34
N MET A 132 4.55 -20.68 10.24
CA MET A 132 3.76 -20.76 11.47
C MET A 132 2.28 -20.60 11.16
N MET A 133 1.95 -19.74 10.20
CA MET A 133 0.57 -19.48 9.81
C MET A 133 -0.10 -20.62 9.07
N ASP A 134 0.68 -21.46 8.41
CA ASP A 134 0.13 -22.62 7.70
C ASP A 134 -0.47 -23.53 8.77
N ILE A 135 0.14 -23.51 9.94
CA ILE A 135 -0.31 -24.29 11.07
C ILE A 135 -1.47 -23.56 11.75
N VAL A 136 -1.25 -22.30 12.12
CA VAL A 136 -2.28 -21.50 12.80
C VAL A 136 -3.57 -21.35 11.98
N ALA A 137 -3.45 -20.96 10.72
CA ALA A 137 -4.61 -20.78 9.84
C ALA A 137 -5.35 -22.08 9.53
N LYS A 138 -4.60 -23.17 9.35
CA LYS A 138 -5.23 -24.46 9.10
C LYS A 138 -6.04 -24.86 10.33
N GLU A 139 -5.40 -24.79 11.49
CA GLU A 139 -6.02 -25.15 12.75
C GLU A 139 -7.21 -24.24 13.11
N ALA A 140 -7.09 -22.95 12.81
CA ALA A 140 -8.15 -21.99 13.09
C ALA A 140 -9.33 -22.27 12.17
N ALA A 141 -9.05 -22.64 10.93
CA ALA A 141 -10.11 -22.94 9.97
C ALA A 141 -10.90 -24.15 10.45
N LEU A 142 -10.18 -25.13 10.97
CA LEU A 142 -10.82 -26.33 11.51
C LEU A 142 -11.80 -25.91 12.59
N GLN A 143 -11.41 -24.89 13.35
CA GLN A 143 -12.23 -24.37 14.44
C GLN A 143 -13.21 -23.29 14.02
N GLY A 144 -13.37 -23.10 12.72
CA GLY A 144 -14.33 -22.13 12.24
C GLY A 144 -13.87 -20.73 11.90
N TYR A 145 -12.58 -20.52 11.67
CA TYR A 145 -12.12 -19.18 11.31
C TYR A 145 -11.09 -19.14 10.20
N LYS A 146 -11.44 -18.41 9.16
CA LYS A 146 -10.59 -18.23 8.00
C LYS A 146 -10.93 -16.88 7.39
N PRO A 147 -9.95 -15.97 7.33
CA PRO A 147 -10.20 -14.64 6.75
C PRO A 147 -10.20 -14.73 5.22
N ASP A 148 -10.57 -13.65 4.54
CA ASP A 148 -10.58 -13.58 3.09
C ASP A 148 -9.16 -13.59 2.58
N PHE A 149 -8.27 -12.98 3.35
CA PHE A 149 -6.88 -12.91 2.99
C PHE A 149 -6.03 -12.87 4.24
N LEU A 150 -4.76 -13.15 4.07
CA LEU A 150 -3.80 -13.20 5.16
C LEU A 150 -2.40 -12.88 4.62
N VAL A 151 -1.73 -11.95 5.28
CA VAL A 151 -0.39 -11.58 4.87
C VAL A 151 0.51 -11.67 6.09
N THR A 152 1.67 -12.27 5.93
CA THR A 152 2.63 -12.40 7.01
C THR A 152 3.82 -11.52 6.65
N PRO A 153 4.72 -11.26 7.62
CA PRO A 153 5.87 -10.42 7.29
C PRO A 153 6.73 -11.00 6.18
N ASP A 154 6.57 -12.29 5.91
CA ASP A 154 7.32 -12.98 4.86
C ASP A 154 6.90 -12.56 3.45
N ASP A 155 5.71 -11.98 3.34
CA ASP A 155 5.16 -11.54 2.06
C ASP A 155 5.57 -10.12 1.69
N VAL A 156 6.03 -9.37 2.67
CA VAL A 156 6.41 -7.98 2.43
C VAL A 156 7.84 -7.72 2.91
N PRO A 157 8.37 -6.51 2.64
CA PRO A 157 9.74 -6.17 3.06
C PRO A 157 10.03 -6.27 4.56
N ALA A 158 8.99 -6.10 5.37
CA ALA A 158 9.15 -6.14 6.82
C ALA A 158 7.78 -6.15 7.48
N GLY A 159 7.73 -6.66 8.72
CA GLY A 159 6.48 -6.74 9.44
C GLY A 159 6.15 -5.45 10.16
N ARG A 160 5.37 -5.55 11.24
CA ARG A 160 5.01 -4.36 12.01
C ARG A 160 6.27 -3.73 12.57
N PRO A 161 6.25 -2.41 12.83
CA PRO A 161 5.21 -1.39 12.69
C PRO A 161 4.94 -0.92 11.27
N TYR A 162 5.63 -1.50 10.30
CA TYR A 162 5.47 -1.11 8.91
C TYR A 162 4.10 -1.47 8.37
N PRO A 163 3.54 -0.59 7.54
CA PRO A 163 2.22 -0.73 6.90
C PRO A 163 2.23 -1.56 5.63
N TRP A 164 3.34 -2.24 5.36
CA TRP A 164 3.45 -3.05 4.16
C TRP A 164 2.40 -4.16 4.08
N MET A 165 2.25 -4.96 5.14
CA MET A 165 1.27 -6.03 5.14
C MET A 165 -0.14 -5.50 4.90
N CYS A 166 -0.43 -4.33 5.46
CA CYS A 166 -1.74 -3.72 5.32
C CYS A 166 -2.00 -3.31 3.87
N TYR A 167 -0.96 -2.80 3.20
CA TYR A 167 -1.07 -2.38 1.79
C TYR A 167 -1.31 -3.58 0.90
N LYS A 168 -0.68 -4.71 1.21
CA LYS A 168 -0.86 -5.92 0.43
C LYS A 168 -2.28 -6.44 0.63
N ASN A 169 -2.82 -6.28 1.83
CA ASN A 169 -4.19 -6.70 2.09
C ASN A 169 -5.13 -5.91 1.17
N ALA A 170 -4.94 -4.60 1.12
CA ALA A 170 -5.75 -3.71 0.29
C ALA A 170 -5.71 -4.10 -1.19
N MET A 171 -4.52 -4.37 -1.71
CA MET A 171 -4.32 -4.76 -3.09
C MET A 171 -5.12 -5.98 -3.47
N GLU A 172 -4.95 -7.04 -2.68
CA GLU A 172 -5.61 -8.31 -2.93
C GLU A 172 -7.10 -8.31 -2.60
N LEU A 173 -7.56 -7.32 -1.82
CA LEU A 173 -8.96 -7.22 -1.47
C LEU A 173 -9.67 -6.25 -2.40
N GLY A 174 -8.87 -5.38 -3.04
CA GLY A 174 -9.40 -4.39 -3.98
C GLY A 174 -10.04 -3.21 -3.29
N VAL A 175 -9.52 -2.84 -2.12
CA VAL A 175 -10.07 -1.74 -1.34
C VAL A 175 -9.12 -0.56 -1.20
N TYR A 176 -9.61 0.61 -1.57
CA TYR A 176 -8.88 1.87 -1.49
C TYR A 176 -9.89 3.01 -1.33
N PRO A 177 -9.50 4.12 -0.69
CA PRO A 177 -8.20 4.39 -0.09
C PRO A 177 -8.03 3.60 1.21
N MET A 178 -6.89 3.79 1.87
CA MET A 178 -6.62 3.10 3.12
C MET A 178 -7.62 3.48 4.20
N ASN A 179 -8.15 4.70 4.13
CA ASN A 179 -9.12 5.17 5.10
C ASN A 179 -10.48 4.49 4.95
N HIS A 180 -10.56 3.57 3.99
CA HIS A 180 -11.78 2.79 3.76
C HIS A 180 -11.56 1.46 4.45
N MET A 181 -10.55 1.42 5.32
CA MET A 181 -10.21 0.21 6.03
C MET A 181 -9.92 0.43 7.49
N ILE A 182 -10.24 -0.57 8.29
CA ILE A 182 -9.99 -0.52 9.72
C ILE A 182 -8.95 -1.57 10.07
N LYS A 183 -8.05 -1.23 10.98
CA LYS A 183 -7.06 -2.17 11.45
C LYS A 183 -7.39 -2.43 12.92
N VAL A 184 -7.57 -3.70 13.27
CA VAL A 184 -7.89 -4.06 14.67
C VAL A 184 -6.78 -4.95 15.20
N GLY A 185 -6.14 -4.48 16.27
CA GLY A 185 -5.05 -5.20 16.88
C GLY A 185 -5.14 -5.18 18.39
N ASP A 186 -4.21 -5.87 19.04
CA ASP A 186 -4.18 -5.99 20.49
C ASP A 186 -2.83 -5.64 21.12
N THR A 187 -1.86 -5.25 20.31
CA THR A 187 -0.54 -4.91 20.82
C THR A 187 -0.23 -3.47 20.42
N VAL A 188 0.80 -2.90 21.03
CA VAL A 188 1.20 -1.54 20.71
C VAL A 188 1.67 -1.48 19.25
N SER A 189 2.28 -2.56 18.77
CA SER A 189 2.77 -2.61 17.41
C SER A 189 1.63 -2.66 16.40
N ASP A 190 0.47 -3.17 16.81
CA ASP A 190 -0.70 -3.25 15.93
C ASP A 190 -1.27 -1.85 15.70
N MET A 191 -1.20 -1.03 16.74
CA MET A 191 -1.69 0.34 16.69
C MET A 191 -0.80 1.18 15.79
N LYS A 192 0.51 0.98 15.92
CA LYS A 192 1.45 1.74 15.11
C LYS A 192 1.32 1.31 13.66
N GLU A 193 1.00 0.04 13.47
CA GLU A 193 0.82 -0.50 12.13
C GLU A 193 -0.38 0.13 11.46
N GLY A 194 -1.51 0.18 12.17
CA GLY A 194 -2.71 0.77 11.60
C GLY A 194 -2.51 2.22 11.19
N ARG A 195 -1.94 3.01 12.09
CA ARG A 195 -1.69 4.43 11.85
C ARG A 195 -0.67 4.67 10.75
N ASN A 196 0.41 3.90 10.72
CA ASN A 196 1.41 4.07 9.68
C ASN A 196 0.80 3.69 8.32
N ALA A 197 -0.26 2.89 8.37
CA ALA A 197 -0.97 2.44 7.17
C ALA A 197 -2.03 3.45 6.76
N GLY A 198 -2.22 4.47 7.58
CA GLY A 198 -3.20 5.51 7.29
C GLY A 198 -4.62 5.01 7.39
N MET A 199 -4.82 3.92 8.13
CA MET A 199 -6.15 3.37 8.30
C MET A 199 -6.69 3.62 9.69
N TRP A 200 -8.01 3.53 9.81
CA TRP A 200 -8.67 3.71 11.10
C TRP A 200 -8.14 2.60 12.00
N THR A 201 -7.60 2.99 13.14
CA THR A 201 -6.98 2.05 14.03
C THR A 201 -7.70 1.79 15.34
N VAL A 202 -8.01 0.51 15.57
CA VAL A 202 -8.72 0.06 16.76
C VAL A 202 -7.92 -0.90 17.63
N GLY A 203 -8.04 -0.73 18.95
CA GLY A 203 -7.37 -1.61 19.87
C GLY A 203 -8.34 -2.43 20.71
N VAL A 204 -8.14 -3.75 20.75
CA VAL A 204 -8.99 -4.64 21.54
C VAL A 204 -8.26 -4.86 22.86
N ILE A 205 -9.01 -4.83 23.97
CA ILE A 205 -8.42 -4.99 25.30
C ILE A 205 -8.49 -6.39 25.90
N LEU A 206 -9.69 -6.91 26.11
CA LEU A 206 -9.82 -8.24 26.67
C LEU A 206 -9.32 -9.28 25.67
N GLY A 207 -8.46 -10.16 26.15
CA GLY A 207 -7.89 -11.18 25.28
C GLY A 207 -6.63 -10.68 24.61
N SER A 208 -6.30 -9.42 24.81
CA SER A 208 -5.12 -8.83 24.20
C SER A 208 -3.82 -9.25 24.88
N SER A 209 -2.73 -9.11 24.13
CA SER A 209 -1.42 -9.42 24.68
C SER A 209 -1.13 -8.35 25.74
N GLU A 210 -1.53 -7.10 25.47
CA GLU A 210 -1.31 -5.98 26.38
C GLU A 210 -1.87 -6.21 27.80
N LEU A 211 -3.00 -6.92 27.90
CA LEU A 211 -3.59 -7.23 29.20
C LEU A 211 -2.75 -8.38 29.77
N GLY A 212 -2.48 -9.36 28.90
CA GLY A 212 -1.69 -10.52 29.27
C GLY A 212 -2.41 -11.45 30.20
N LEU A 213 -3.74 -11.44 30.16
CA LEU A 213 -4.52 -12.29 31.02
C LEU A 213 -5.17 -13.44 30.28
N THR A 214 -5.40 -14.55 30.98
CA THR A 214 -6.07 -15.70 30.39
C THR A 214 -7.56 -15.42 30.58
N GLU A 215 -8.42 -16.21 29.92
CA GLU A 215 -9.86 -16.01 30.07
C GLU A 215 -10.24 -16.18 31.52
N GLU A 216 -9.80 -17.30 32.12
CA GLU A 216 -10.12 -17.56 33.53
C GLU A 216 -9.67 -16.40 34.42
N GLU A 217 -8.46 -15.89 34.19
CA GLU A 217 -7.98 -14.78 35.00
C GLU A 217 -8.91 -13.57 34.90
N VAL A 218 -9.48 -13.34 33.72
CA VAL A 218 -10.39 -12.22 33.51
C VAL A 218 -11.70 -12.47 34.26
N GLU A 219 -12.29 -13.65 34.05
CA GLU A 219 -13.54 -14.04 34.68
C GLU A 219 -13.49 -14.08 36.21
N ASN A 220 -12.31 -14.38 36.77
CA ASN A 220 -12.17 -14.49 38.22
C ASN A 220 -11.44 -13.36 38.94
N MET A 221 -10.94 -12.39 38.17
CA MET A 221 -10.24 -11.27 38.78
C MET A 221 -11.19 -10.30 39.47
N ASP A 222 -10.70 -9.70 40.54
CA ASP A 222 -11.46 -8.71 41.29
C ASP A 222 -11.83 -7.61 40.30
N SER A 223 -13.13 -7.37 40.17
CA SER A 223 -13.71 -6.38 39.28
C SER A 223 -12.95 -5.05 39.20
N VAL A 224 -12.57 -4.51 40.34
CA VAL A 224 -11.84 -3.24 40.39
C VAL A 224 -10.41 -3.42 39.86
N GLU A 225 -9.77 -4.51 40.25
CA GLU A 225 -8.42 -4.81 39.80
C GLU A 225 -8.42 -4.92 38.26
N LEU A 226 -9.47 -5.54 37.71
CA LEU A 226 -9.59 -5.72 36.26
C LEU A 226 -9.70 -4.38 35.52
N ARG A 227 -10.71 -3.59 35.88
CA ARG A 227 -10.93 -2.26 35.29
C ARG A 227 -9.70 -1.40 35.32
N GLU A 228 -8.96 -1.53 36.40
CA GLU A 228 -7.73 -0.78 36.60
C GLU A 228 -6.78 -1.21 35.50
N LYS A 229 -6.68 -2.52 35.29
CA LYS A 229 -5.82 -3.10 34.26
C LYS A 229 -6.35 -2.79 32.85
N ILE A 230 -7.67 -2.72 32.70
CA ILE A 230 -8.30 -2.40 31.42
C ILE A 230 -7.96 -0.96 31.00
N GLU A 231 -8.03 -0.01 31.93
CA GLU A 231 -7.70 1.37 31.61
C GLU A 231 -6.24 1.57 31.28
N VAL A 232 -5.37 0.82 31.96
CA VAL A 232 -3.94 0.90 31.68
C VAL A 232 -3.76 0.52 30.21
N VAL A 233 -4.43 -0.56 29.79
CA VAL A 233 -4.33 -1.02 28.41
C VAL A 233 -4.97 -0.02 27.43
N ARG A 234 -6.14 0.51 27.80
CA ARG A 234 -6.83 1.47 26.96
C ARG A 234 -5.95 2.71 26.75
N ASN A 235 -5.35 3.19 27.84
CA ASN A 235 -4.48 4.34 27.76
C ASN A 235 -3.27 4.04 26.88
N ARG A 236 -2.72 2.83 27.02
CA ARG A 236 -1.58 2.43 26.23
C ARG A 236 -1.89 2.47 24.74
N PHE A 237 -3.06 1.95 24.37
CA PHE A 237 -3.49 1.94 22.98
C PHE A 237 -3.58 3.39 22.46
N VAL A 238 -4.25 4.24 23.24
CA VAL A 238 -4.44 5.65 22.89
C VAL A 238 -3.14 6.41 22.70
N GLU A 239 -2.24 6.32 23.68
CA GLU A 239 -0.94 6.99 23.60
C GLU A 239 -0.17 6.52 22.37
N ASN A 240 -0.50 5.32 21.90
CA ASN A 240 0.20 4.77 20.75
C ASN A 240 -0.54 4.88 19.41
N GLY A 241 -1.48 5.82 19.33
CA GLY A 241 -2.18 6.04 18.08
C GLY A 241 -3.59 5.55 17.86
N ALA A 242 -4.08 4.64 18.69
CA ALA A 242 -5.43 4.12 18.51
C ALA A 242 -6.46 5.23 18.29
N HIS A 243 -7.26 5.11 17.25
CA HIS A 243 -8.31 6.10 17.02
C HIS A 243 -9.41 5.69 18.00
N PHE A 244 -9.57 4.39 18.15
CA PHE A 244 -10.58 3.83 19.02
C PHE A 244 -10.06 2.67 19.85
N THR A 245 -10.71 2.43 20.97
CA THR A 245 -10.35 1.35 21.88
C THR A 245 -11.63 0.61 22.23
N ILE A 246 -11.60 -0.71 22.08
CA ILE A 246 -12.75 -1.54 22.38
C ILE A 246 -12.32 -2.63 23.35
N GLU A 247 -13.21 -3.00 24.25
CA GLU A 247 -12.91 -4.03 25.24
C GLU A 247 -12.95 -5.42 24.63
N THR A 248 -13.88 -5.64 23.70
CA THR A 248 -14.01 -6.90 23.00
C THR A 248 -14.33 -6.54 21.56
N MET A 249 -14.25 -7.53 20.67
CA MET A 249 -14.55 -7.35 19.26
C MET A 249 -16.01 -7.00 19.02
N GLN A 250 -16.87 -7.23 20.01
CA GLN A 250 -18.29 -6.95 19.89
C GLN A 250 -18.61 -5.47 19.68
N GLU A 251 -17.64 -4.59 19.91
CA GLU A 251 -17.84 -3.15 19.75
C GLU A 251 -17.34 -2.63 18.41
N LEU A 252 -16.72 -3.51 17.62
CA LEU A 252 -16.18 -3.18 16.31
C LEU A 252 -17.19 -2.46 15.43
N GLU A 253 -18.39 -3.05 15.36
CA GLU A 253 -19.49 -2.52 14.57
C GLU A 253 -19.78 -1.06 14.94
N SER A 254 -19.76 -0.76 16.24
CA SER A 254 -20.01 0.59 16.75
C SER A 254 -18.97 1.61 16.30
N VAL A 255 -17.72 1.18 16.28
CA VAL A 255 -16.62 2.03 15.84
C VAL A 255 -16.79 2.29 14.35
N MET A 256 -17.20 1.27 13.60
CA MET A 256 -17.43 1.39 12.17
C MET A 256 -18.52 2.41 11.87
N GLU A 257 -19.62 2.32 12.61
CA GLU A 257 -20.73 3.25 12.44
C GLU A 257 -20.26 4.65 12.78
N HIS A 258 -19.55 4.80 13.89
CA HIS A 258 -19.04 6.10 14.30
C HIS A 258 -18.22 6.70 13.15
N ILE A 259 -17.21 5.97 12.69
CA ILE A 259 -16.34 6.44 11.61
C ILE A 259 -17.10 6.92 10.37
N GLU A 260 -18.10 6.16 9.94
CA GLU A 260 -18.88 6.51 8.75
C GLU A 260 -19.78 7.76 8.92
N LYS A 261 -19.77 8.33 10.13
CA LYS A 261 -20.57 9.52 10.41
C LYS A 261 -19.69 10.71 10.81
N LYS B 5 5.81 16.54 6.44
CA LYS B 5 7.05 16.40 5.63
C LYS B 5 6.94 15.42 4.46
N ILE B 6 7.31 15.88 3.28
CA ILE B 6 7.30 15.07 2.07
C ILE B 6 8.60 14.28 2.01
N GLU B 7 8.48 12.96 2.11
CA GLU B 7 9.65 12.08 2.08
C GLU B 7 9.97 11.50 0.72
N ALA B 8 8.98 11.40 -0.14
CA ALA B 8 9.19 10.85 -1.47
C ALA B 8 8.24 11.43 -2.51
N VAL B 9 8.62 11.29 -3.77
CA VAL B 9 7.80 11.80 -4.87
C VAL B 9 7.69 10.74 -5.95
N ILE B 10 6.45 10.45 -6.33
CA ILE B 10 6.21 9.46 -7.37
C ILE B 10 5.86 10.15 -8.68
N PHE B 11 6.56 9.77 -9.75
CA PHE B 11 6.30 10.37 -11.04
C PHE B 11 5.76 9.38 -12.05
N ALA B 12 4.94 9.93 -12.92
CA ALA B 12 4.35 9.20 -14.03
C ALA B 12 5.51 9.23 -15.04
N TRP B 13 5.48 8.40 -16.07
CA TRP B 13 6.54 8.43 -17.07
C TRP B 13 6.14 9.28 -18.26
N ALA B 14 5.62 8.65 -19.30
CA ALA B 14 5.20 9.35 -20.51
C ALA B 14 4.32 10.55 -20.17
N GLY B 15 4.77 11.74 -20.59
CA GLY B 15 4.01 12.95 -20.32
C GLY B 15 4.34 13.68 -19.04
N THR B 16 5.13 13.06 -18.15
CA THR B 16 5.50 13.71 -16.89
C THR B 16 7.01 13.80 -16.76
N THR B 17 7.69 12.69 -16.94
CA THR B 17 9.15 12.67 -16.85
C THR B 17 9.76 12.58 -18.24
N VAL B 18 9.16 11.78 -19.11
CA VAL B 18 9.66 11.59 -20.48
C VAL B 18 8.53 11.66 -21.53
N ASP B 19 8.94 11.79 -22.79
CA ASP B 19 8.03 11.86 -23.94
C ASP B 19 7.05 13.02 -23.78
N TYR B 20 7.49 14.20 -24.18
CA TYR B 20 6.70 15.42 -24.08
C TYR B 20 5.41 15.33 -24.91
N GLY B 21 4.28 15.60 -24.24
CA GLY B 21 3.00 15.54 -24.92
C GLY B 21 2.43 14.13 -25.00
N CYS B 22 3.26 13.13 -24.67
CA CYS B 22 2.85 11.72 -24.67
C CYS B 22 2.31 11.33 -26.05
N PHE B 23 3.19 11.28 -27.03
CA PHE B 23 2.82 10.92 -28.39
C PHE B 23 3.12 9.48 -28.79
N ALA B 24 3.97 8.82 -28.01
CA ALA B 24 4.36 7.44 -28.29
C ALA B 24 3.23 6.49 -28.72
N PRO B 25 2.09 6.49 -28.00
CA PRO B 25 1.01 5.58 -28.40
C PRO B 25 -0.15 6.23 -29.15
N LEU B 26 -0.28 7.55 -29.04
CA LEU B 26 -1.37 8.30 -29.66
C LEU B 26 -1.85 7.78 -31.02
N GLU B 27 -0.98 7.90 -32.02
CA GLU B 27 -1.33 7.48 -33.36
C GLU B 27 -1.51 5.97 -33.50
N VAL B 28 -1.02 5.20 -32.53
CA VAL B 28 -1.16 3.74 -32.54
C VAL B 28 -2.60 3.40 -32.22
N PHE B 29 -3.12 3.95 -31.12
CA PHE B 29 -4.51 3.72 -30.71
C PHE B 29 -5.42 4.11 -31.88
N MET B 30 -5.05 5.19 -32.56
CA MET B 30 -5.79 5.71 -33.70
C MET B 30 -5.68 4.77 -34.91
N GLU B 31 -4.47 4.27 -35.14
CA GLU B 31 -4.21 3.37 -36.25
C GLU B 31 -5.00 2.06 -36.16
N ILE B 32 -5.03 1.46 -34.98
CA ILE B 32 -5.72 0.19 -34.77
C ILE B 32 -7.25 0.27 -34.86
N PHE B 33 -7.80 1.47 -34.64
CA PHE B 33 -9.24 1.65 -34.73
C PHE B 33 -9.66 2.06 -36.13
N HIS B 34 -8.80 2.85 -36.79
CA HIS B 34 -9.07 3.30 -38.14
C HIS B 34 -9.05 2.09 -39.09
N LYS B 35 -8.14 1.16 -38.83
CA LYS B 35 -8.00 -0.05 -39.64
C LYS B 35 -9.31 -0.85 -39.66
N ARG B 36 -10.02 -0.83 -38.55
CA ARG B 36 -11.30 -1.52 -38.43
C ARG B 36 -12.43 -0.69 -39.04
N GLY B 37 -12.10 0.49 -39.54
CA GLY B 37 -13.09 1.37 -40.13
C GLY B 37 -13.83 2.22 -39.12
N VAL B 38 -13.21 2.41 -37.95
CA VAL B 38 -13.79 3.23 -36.89
C VAL B 38 -12.79 4.30 -36.50
N ALA B 39 -12.93 5.48 -37.10
CA ALA B 39 -12.04 6.60 -36.81
C ALA B 39 -12.25 7.17 -35.41
N ILE B 40 -11.14 7.47 -34.73
CA ILE B 40 -11.20 8.05 -33.39
C ILE B 40 -10.37 9.33 -33.35
N THR B 41 -10.87 10.34 -32.66
CA THR B 41 -10.17 11.62 -32.54
C THR B 41 -8.98 11.50 -31.58
N ALA B 42 -8.08 12.48 -31.64
CA ALA B 42 -6.91 12.51 -30.77
C ALA B 42 -7.33 12.70 -29.33
N GLU B 43 -8.44 13.41 -29.12
CA GLU B 43 -8.96 13.64 -27.78
C GLU B 43 -9.46 12.34 -27.18
N GLU B 44 -10.14 11.54 -28.00
CA GLU B 44 -10.66 10.26 -27.55
C GLU B 44 -9.51 9.32 -27.23
N ALA B 45 -8.52 9.27 -28.11
CA ALA B 45 -7.36 8.41 -27.92
C ALA B 45 -6.60 8.77 -26.64
N ARG B 46 -6.68 10.03 -26.24
CA ARG B 46 -5.97 10.48 -25.04
C ARG B 46 -6.74 10.44 -23.72
N LYS B 47 -8.07 10.42 -23.79
CA LYS B 47 -8.88 10.44 -22.57
C LYS B 47 -8.46 9.43 -21.49
N PRO B 48 -8.27 8.15 -21.86
CA PRO B 48 -7.87 7.15 -20.89
C PRO B 48 -6.36 6.95 -20.76
N MET B 49 -5.57 7.90 -21.24
CA MET B 49 -4.11 7.81 -21.18
C MET B 49 -3.60 7.63 -19.74
N GLY B 50 -2.76 6.61 -19.53
CA GLY B 50 -2.25 6.35 -18.19
C GLY B 50 -2.55 4.93 -17.79
N LEU B 51 -3.76 4.47 -18.11
CA LEU B 51 -4.17 3.11 -17.79
C LEU B 51 -3.22 2.16 -18.49
N LEU B 52 -3.15 0.92 -18.00
CA LEU B 52 -2.30 -0.09 -18.64
C LEU B 52 -2.77 -0.11 -20.10
N LYS B 53 -1.80 -0.10 -21.02
CA LYS B 53 -2.08 -0.09 -22.45
C LYS B 53 -3.27 -0.94 -22.90
N ILE B 54 -3.29 -2.20 -22.48
CA ILE B 54 -4.39 -3.09 -22.81
C ILE B 54 -5.71 -2.55 -22.23
N ASP B 55 -5.66 -2.00 -21.01
CA ASP B 55 -6.87 -1.44 -20.39
C ASP B 55 -7.34 -0.22 -21.16
N HIS B 56 -6.37 0.50 -21.73
CA HIS B 56 -6.62 1.70 -22.52
C HIS B 56 -7.44 1.37 -23.76
N VAL B 57 -7.05 0.29 -24.45
CA VAL B 57 -7.75 -0.15 -25.66
C VAL B 57 -9.18 -0.53 -25.29
N ARG B 58 -9.32 -1.25 -24.17
CA ARG B 58 -10.64 -1.66 -23.68
C ARG B 58 -11.48 -0.44 -23.30
N ALA B 59 -10.82 0.60 -22.81
CA ALA B 59 -11.51 1.83 -22.43
C ALA B 59 -12.04 2.55 -23.69
N LEU B 60 -11.25 2.51 -24.76
CA LEU B 60 -11.64 3.13 -26.01
C LEU B 60 -12.89 2.44 -26.59
N THR B 61 -12.90 1.11 -26.55
CA THR B 61 -14.04 0.32 -27.06
C THR B 61 -15.23 0.48 -26.13
N GLU B 62 -14.99 1.10 -24.98
CA GLU B 62 -15.99 1.34 -23.94
C GLU B 62 -16.69 2.69 -24.16
N MET B 63 -15.95 3.66 -24.71
CA MET B 63 -16.49 5.00 -24.98
C MET B 63 -17.69 4.96 -25.91
N PRO B 64 -18.83 5.47 -25.44
CA PRO B 64 -20.11 5.53 -26.18
C PRO B 64 -20.00 5.85 -27.67
N ARG B 65 -19.27 6.90 -28.02
CA ARG B 65 -19.12 7.31 -29.41
C ARG B 65 -18.45 6.23 -30.23
N ILE B 66 -17.31 5.75 -29.74
CA ILE B 66 -16.53 4.70 -30.40
C ILE B 66 -17.30 3.38 -30.46
N ALA B 67 -17.98 3.06 -29.36
CA ALA B 67 -18.76 1.83 -29.30
C ALA B 67 -19.90 1.89 -30.31
N SER B 68 -20.52 3.07 -30.41
CA SER B 68 -21.64 3.29 -31.32
C SER B 68 -21.24 3.03 -32.76
N GLU B 69 -20.09 3.57 -33.15
CA GLU B 69 -19.60 3.42 -34.52
C GLU B 69 -19.28 1.97 -34.84
N TRP B 70 -18.63 1.29 -33.90
CA TRP B 70 -18.27 -0.11 -34.08
C TRP B 70 -19.51 -0.96 -34.29
N ASN B 71 -20.57 -0.62 -33.56
CA ASN B 71 -21.83 -1.34 -33.67
C ASN B 71 -22.45 -1.09 -35.02
N ARG B 72 -22.23 0.10 -35.54
CA ARG B 72 -22.76 0.51 -36.84
C ARG B 72 -22.06 -0.27 -37.95
N VAL B 73 -20.73 -0.28 -37.91
CA VAL B 73 -19.91 -0.98 -38.90
C VAL B 73 -19.99 -2.50 -38.82
N PHE B 74 -19.74 -3.06 -37.63
CA PHE B 74 -19.75 -4.52 -37.45
C PHE B 74 -21.04 -5.19 -36.99
N ARG B 75 -22.05 -4.39 -36.65
CA ARG B 75 -23.34 -4.92 -36.19
C ARG B 75 -23.23 -5.65 -34.85
N GLN B 76 -22.15 -5.39 -34.13
CA GLN B 76 -21.91 -5.99 -32.82
C GLN B 76 -20.90 -5.13 -32.08
N LEU B 77 -20.83 -5.29 -30.77
CA LEU B 77 -19.88 -4.53 -29.98
C LEU B 77 -18.56 -5.28 -29.95
N PRO B 78 -17.45 -4.56 -29.77
CA PRO B 78 -16.12 -5.18 -29.73
C PRO B 78 -16.04 -6.39 -28.79
N THR B 79 -15.51 -7.47 -29.35
CA THR B 79 -15.32 -8.73 -28.66
C THR B 79 -13.97 -8.71 -27.95
N GLU B 80 -13.82 -9.57 -26.94
CA GLU B 80 -12.54 -9.66 -26.22
C GLU B 80 -11.46 -10.05 -27.24
N ALA B 81 -11.86 -10.81 -28.26
CA ALA B 81 -10.95 -11.22 -29.32
C ALA B 81 -10.51 -10.00 -30.09
N ASP B 82 -11.46 -9.09 -30.34
CA ASP B 82 -11.16 -7.85 -31.05
C ASP B 82 -10.16 -7.02 -30.25
N ILE B 83 -10.45 -6.81 -28.98
CA ILE B 83 -9.57 -6.05 -28.09
C ILE B 83 -8.21 -6.76 -28.02
N GLN B 84 -8.24 -8.08 -27.90
CA GLN B 84 -7.01 -8.88 -27.82
C GLN B 84 -6.22 -8.76 -29.13
N GLU B 85 -6.95 -8.78 -30.24
CA GLU B 85 -6.37 -8.66 -31.57
C GLU B 85 -5.78 -7.28 -31.79
N MET B 86 -6.54 -6.24 -31.41
CA MET B 86 -6.07 -4.86 -31.56
C MET B 86 -4.84 -4.62 -30.71
N TYR B 87 -4.85 -5.18 -29.49
CA TYR B 87 -3.72 -4.99 -28.60
C TYR B 87 -2.44 -5.66 -29.14
N GLU B 88 -2.60 -6.75 -29.88
CA GLU B 88 -1.46 -7.44 -30.47
C GLU B 88 -0.86 -6.51 -31.54
N GLU B 89 -1.74 -5.81 -32.25
CA GLU B 89 -1.30 -4.88 -33.28
C GLU B 89 -0.71 -3.64 -32.63
N PHE B 90 -1.27 -3.26 -31.48
CA PHE B 90 -0.79 -2.10 -30.74
C PHE B 90 0.67 -2.31 -30.34
N GLU B 91 0.98 -3.50 -29.84
CA GLU B 91 2.34 -3.83 -29.42
C GLU B 91 3.33 -3.89 -30.57
N GLU B 92 2.97 -4.63 -31.63
CA GLU B 92 3.81 -4.77 -32.81
C GLU B 92 4.27 -3.42 -33.35
N ILE B 93 3.36 -2.45 -33.35
CA ILE B 93 3.65 -1.10 -33.83
C ILE B 93 4.41 -0.29 -32.77
N LEU B 94 3.87 -0.26 -31.56
CA LEU B 94 4.44 0.48 -30.45
C LEU B 94 5.90 0.13 -30.17
N PHE B 95 6.23 -1.16 -30.19
CA PHE B 95 7.59 -1.61 -29.93
C PHE B 95 8.61 -1.07 -30.92
N ALA B 96 8.24 -1.07 -32.20
CA ALA B 96 9.14 -0.60 -33.26
C ALA B 96 9.60 0.85 -33.10
N ILE B 97 8.77 1.69 -32.48
CA ILE B 97 9.13 3.10 -32.30
C ILE B 97 9.25 3.57 -30.86
N LEU B 98 9.10 2.64 -29.92
CA LEU B 98 9.16 2.95 -28.49
C LEU B 98 10.43 3.72 -28.09
N PRO B 99 11.62 3.24 -28.52
CA PRO B 99 12.90 3.89 -28.19
C PRO B 99 12.94 5.39 -28.47
N ARG B 100 12.32 5.82 -29.57
CA ARG B 100 12.29 7.23 -29.94
C ARG B 100 11.52 8.10 -28.95
N TYR B 101 10.56 7.49 -28.25
CA TYR B 101 9.75 8.20 -27.26
C TYR B 101 10.07 7.71 -25.84
N ALA B 102 11.23 8.14 -25.33
CA ALA B 102 11.67 7.77 -24.00
C ALA B 102 12.70 8.79 -23.54
N SER B 103 12.56 10.01 -24.05
CA SER B 103 13.48 11.09 -23.74
C SER B 103 12.91 12.09 -22.73
N PRO B 104 13.65 12.36 -21.64
CA PRO B 104 13.28 13.28 -20.57
C PRO B 104 12.85 14.66 -21.05
N ILE B 105 11.88 15.24 -20.36
CA ILE B 105 11.35 16.56 -20.67
C ILE B 105 12.28 17.66 -20.13
N ASN B 106 12.57 18.63 -20.99
CA ASN B 106 13.45 19.77 -20.70
C ASN B 106 14.04 19.97 -19.29
N GLY B 107 13.25 20.51 -18.37
CA GLY B 107 13.77 20.78 -17.04
C GLY B 107 13.37 19.88 -15.88
N VAL B 108 12.96 18.63 -16.15
CA VAL B 108 12.57 17.71 -15.08
C VAL B 108 13.76 17.23 -14.25
N LYS B 109 14.83 16.82 -14.91
CA LYS B 109 16.04 16.34 -14.23
C LYS B 109 16.56 17.29 -13.17
N GLU B 110 16.47 18.60 -13.45
CA GLU B 110 16.93 19.63 -12.52
C GLU B 110 16.19 19.50 -11.19
N VAL B 111 14.86 19.42 -11.27
CA VAL B 111 14.02 19.28 -10.09
C VAL B 111 14.32 17.95 -9.42
N ILE B 112 14.49 16.91 -10.24
CA ILE B 112 14.81 15.57 -9.76
C ILE B 112 16.05 15.57 -8.86
N ALA B 113 17.15 16.09 -9.38
CA ALA B 113 18.41 16.16 -8.64
C ALA B 113 18.27 17.06 -7.41
N SER B 114 17.51 18.14 -7.56
CA SER B 114 17.29 19.07 -6.47
C SER B 114 16.58 18.35 -5.31
N LEU B 115 15.72 17.39 -5.67
CA LEU B 115 14.97 16.60 -4.70
C LEU B 115 15.87 15.57 -3.99
N ARG B 116 16.76 14.94 -4.75
CA ARG B 116 17.69 13.96 -4.19
C ARG B 116 18.64 14.62 -3.20
N GLU B 117 18.94 15.90 -3.45
CA GLU B 117 19.83 16.66 -2.57
C GLU B 117 19.14 16.87 -1.22
N ARG B 118 17.81 16.96 -1.26
CA ARG B 118 17.01 17.15 -0.06
C ARG B 118 16.62 15.83 0.58
N GLY B 119 17.38 14.78 0.28
CA GLY B 119 17.13 13.46 0.83
C GLY B 119 15.76 12.88 0.50
N ILE B 120 15.30 13.11 -0.73
CA ILE B 120 13.99 12.66 -1.18
C ILE B 120 14.01 11.40 -2.07
N LYS B 121 13.12 10.46 -1.74
CA LYS B 121 12.99 9.21 -2.48
C LYS B 121 12.22 9.48 -3.76
N ILE B 122 12.63 8.86 -4.87
CA ILE B 122 11.98 9.05 -6.15
C ILE B 122 11.42 7.72 -6.66
N GLY B 123 10.09 7.63 -6.69
CA GLY B 123 9.45 6.42 -7.17
C GLY B 123 8.70 6.70 -8.44
N SER B 124 8.23 5.65 -9.13
CA SER B 124 7.51 5.85 -10.38
C SER B 124 6.48 4.77 -10.72
N THR B 125 5.38 5.19 -11.34
CA THR B 125 4.33 4.27 -11.77
C THR B 125 4.09 4.51 -13.26
N THR B 126 3.45 3.55 -13.93
CA THR B 126 3.25 3.67 -15.37
C THR B 126 2.03 2.92 -15.95
N GLY B 127 1.79 3.14 -17.24
CA GLY B 127 0.71 2.47 -17.94
C GLY B 127 1.29 1.47 -18.92
N TYR B 128 2.60 1.58 -19.16
CA TYR B 128 3.32 0.67 -20.04
C TYR B 128 3.51 -0.65 -19.31
N THR B 129 3.55 -1.74 -20.06
CA THR B 129 3.77 -3.06 -19.47
C THR B 129 5.22 -3.15 -19.06
N ARG B 130 5.57 -4.15 -18.26
CA ARG B 130 6.95 -4.34 -17.81
C ARG B 130 7.86 -4.49 -19.03
N GLU B 131 7.48 -5.39 -19.93
CA GLU B 131 8.22 -5.64 -21.16
C GLU B 131 8.40 -4.35 -21.95
N MET B 132 7.34 -3.53 -21.98
CA MET B 132 7.32 -2.25 -22.66
C MET B 132 8.25 -1.25 -21.97
N MET B 133 8.21 -1.26 -20.63
CA MET B 133 9.03 -0.38 -19.81
C MET B 133 10.52 -0.67 -19.91
N ASP B 134 10.88 -1.94 -20.11
CA ASP B 134 12.28 -2.33 -20.24
C ASP B 134 12.94 -1.44 -21.27
N ILE B 135 12.24 -1.24 -22.39
CA ILE B 135 12.72 -0.40 -23.48
C ILE B 135 12.78 1.08 -23.06
N VAL B 136 11.69 1.57 -22.47
CA VAL B 136 11.61 2.97 -22.04
C VAL B 136 12.59 3.29 -20.91
N ALA B 137 12.69 2.39 -19.93
CA ALA B 137 13.58 2.59 -18.79
C ALA B 137 15.05 2.62 -19.19
N LYS B 138 15.44 1.68 -20.05
CA LYS B 138 16.83 1.61 -20.51
C LYS B 138 17.21 2.88 -21.26
N GLU B 139 16.35 3.27 -22.19
CA GLU B 139 16.58 4.47 -23.00
C GLU B 139 16.49 5.75 -22.19
N ALA B 140 15.53 5.81 -21.27
CA ALA B 140 15.37 6.99 -20.42
C ALA B 140 16.59 7.20 -19.54
N ALA B 141 17.11 6.09 -18.99
CA ALA B 141 18.28 6.11 -18.12
C ALA B 141 19.52 6.61 -18.87
N LEU B 142 19.52 6.43 -20.19
CA LEU B 142 20.63 6.87 -21.01
C LEU B 142 20.67 8.38 -21.17
N GLN B 143 19.52 9.02 -21.02
CA GLN B 143 19.44 10.47 -21.15
C GLN B 143 19.41 11.26 -19.83
N GLY B 144 19.87 10.64 -18.75
CA GLY B 144 19.92 11.32 -17.47
C GLY B 144 18.83 11.08 -16.44
N TYR B 145 17.77 10.38 -16.82
CA TYR B 145 16.69 10.11 -15.86
C TYR B 145 16.59 8.66 -15.44
N LYS B 146 16.58 8.46 -14.13
CA LYS B 146 16.49 7.12 -13.53
C LYS B 146 16.06 7.26 -12.07
N PRO B 147 14.77 7.02 -11.79
CA PRO B 147 14.22 7.10 -10.43
C PRO B 147 14.71 5.95 -9.55
N ASP B 148 14.58 6.11 -8.25
CA ASP B 148 15.02 5.09 -7.30
C ASP B 148 14.32 3.75 -7.50
N PHE B 149 13.07 3.79 -7.96
CA PHE B 149 12.29 2.57 -8.17
C PHE B 149 11.17 2.81 -9.18
N LEU B 150 10.76 1.76 -9.88
CA LEU B 150 9.69 1.84 -10.85
C LEU B 150 8.76 0.63 -10.75
N VAL B 151 7.46 0.88 -10.82
CA VAL B 151 6.46 -0.18 -10.74
C VAL B 151 5.55 -0.08 -11.96
N THR B 152 5.13 -1.23 -12.47
CA THR B 152 4.23 -1.28 -13.61
C THR B 152 3.00 -2.11 -13.19
N PRO B 153 1.94 -2.09 -14.02
CA PRO B 153 0.73 -2.85 -13.70
C PRO B 153 0.95 -4.35 -13.62
N ASP B 154 2.07 -4.81 -14.18
CA ASP B 154 2.39 -6.24 -14.15
C ASP B 154 2.86 -6.67 -12.76
N ASP B 155 3.31 -5.70 -11.96
CA ASP B 155 3.79 -5.96 -10.61
C ASP B 155 2.69 -6.11 -9.58
N VAL B 156 1.53 -5.55 -9.89
CA VAL B 156 0.36 -5.53 -9.02
C VAL B 156 -0.90 -6.09 -9.69
N PRO B 157 -2.03 -6.16 -8.96
CA PRO B 157 -3.31 -6.68 -9.48
C PRO B 157 -3.94 -5.86 -10.61
N ALA B 158 -3.58 -4.59 -10.71
CA ALA B 158 -4.13 -3.70 -11.72
C ALA B 158 -3.39 -2.39 -11.76
N GLY B 159 -3.41 -1.73 -12.91
CA GLY B 159 -2.77 -0.44 -13.05
C GLY B 159 -3.68 0.70 -12.63
N ARG B 160 -3.43 1.91 -13.14
CA ARG B 160 -4.24 3.07 -12.81
C ARG B 160 -5.71 2.81 -13.10
N PRO B 161 -6.62 3.50 -12.39
CA PRO B 161 -6.38 4.48 -11.35
C PRO B 161 -6.13 3.87 -9.97
N TYR B 162 -6.03 2.54 -9.94
CA TYR B 162 -5.79 1.80 -8.71
C TYR B 162 -4.50 2.28 -8.07
N PRO B 163 -4.46 2.36 -6.74
CA PRO B 163 -3.27 2.81 -6.00
C PRO B 163 -2.23 1.72 -5.69
N TRP B 164 -2.45 0.52 -6.21
CA TRP B 164 -1.56 -0.62 -5.97
C TRP B 164 -0.08 -0.31 -6.23
N MET B 165 0.23 0.15 -7.44
CA MET B 165 1.60 0.50 -7.84
C MET B 165 2.26 1.48 -6.87
N CYS B 166 1.50 2.47 -6.39
CA CYS B 166 2.00 3.47 -5.45
C CYS B 166 2.34 2.84 -4.10
N TYR B 167 1.52 1.90 -3.65
CA TYR B 167 1.75 1.19 -2.39
C TYR B 167 3.05 0.40 -2.53
N LYS B 168 3.24 -0.21 -3.69
CA LYS B 168 4.46 -0.97 -3.95
C LYS B 168 5.64 -0.03 -3.79
N ASN B 169 5.54 1.15 -4.41
CA ASN B 169 6.57 2.18 -4.30
C ASN B 169 6.84 2.50 -2.83
N ALA B 170 5.76 2.67 -2.07
CA ALA B 170 5.85 2.98 -0.64
C ALA B 170 6.58 1.88 0.12
N MET B 171 6.25 0.63 -0.19
CA MET B 171 6.90 -0.53 0.44
C MET B 171 8.38 -0.53 0.16
N GLU B 172 8.71 -0.58 -1.12
CA GLU B 172 10.11 -0.61 -1.56
C GLU B 172 10.93 0.61 -1.18
N LEU B 173 10.32 1.79 -1.14
CA LEU B 173 11.03 3.01 -0.78
C LEU B 173 11.05 3.23 0.74
N GLY B 174 10.38 2.34 1.47
CA GLY B 174 10.32 2.45 2.92
C GLY B 174 9.77 3.77 3.43
N VAL B 175 8.79 4.32 2.72
CA VAL B 175 8.16 5.58 3.12
C VAL B 175 6.70 5.37 3.56
N TYR B 176 6.27 6.13 4.57
CA TYR B 176 4.91 6.04 5.09
C TYR B 176 4.72 7.17 6.10
N PRO B 177 3.47 7.63 6.28
CA PRO B 177 2.26 7.19 5.59
C PRO B 177 2.27 7.63 4.14
N MET B 178 1.22 7.27 3.41
CA MET B 178 1.11 7.64 2.01
C MET B 178 1.16 9.15 1.80
N ASN B 179 0.63 9.93 2.75
CA ASN B 179 0.67 11.38 2.59
C ASN B 179 2.01 12.04 2.86
N HIS B 180 3.07 11.23 2.94
CA HIS B 180 4.42 11.74 3.11
C HIS B 180 5.05 11.60 1.73
N MET B 181 4.19 11.34 0.74
CA MET B 181 4.61 11.18 -0.64
C MET B 181 3.79 12.09 -1.53
N ILE B 182 4.40 12.52 -2.63
CA ILE B 182 3.74 13.38 -3.60
C ILE B 182 3.68 12.62 -4.90
N LYS B 183 2.51 12.61 -5.51
CA LYS B 183 2.31 11.94 -6.79
C LYS B 183 2.26 13.02 -7.86
N VAL B 184 3.21 12.97 -8.77
CA VAL B 184 3.29 13.94 -9.86
C VAL B 184 2.91 13.23 -11.16
N GLY B 185 1.86 13.72 -11.82
CA GLY B 185 1.40 13.11 -13.05
C GLY B 185 0.94 14.11 -14.08
N ASP B 186 0.51 13.61 -15.24
CA ASP B 186 0.08 14.49 -16.31
C ASP B 186 -1.26 14.10 -16.95
N THR B 187 -1.88 13.02 -16.47
CA THR B 187 -3.14 12.57 -17.02
C THR B 187 -4.20 12.59 -15.94
N VAL B 188 -5.47 12.43 -16.35
CA VAL B 188 -6.56 12.39 -15.38
C VAL B 188 -6.36 11.14 -14.52
N SER B 189 -6.00 10.03 -15.16
CA SER B 189 -5.79 8.78 -14.43
C SER B 189 -4.61 8.86 -13.44
N ASP B 190 -3.69 9.80 -13.69
CA ASP B 190 -2.54 10.03 -12.81
C ASP B 190 -3.03 10.75 -11.56
N MET B 191 -4.00 11.65 -11.76
CA MET B 191 -4.56 12.41 -10.64
C MET B 191 -5.35 11.46 -9.78
N LYS B 192 -6.10 10.57 -10.43
CA LYS B 192 -6.91 9.60 -9.73
C LYS B 192 -6.06 8.58 -8.97
N GLU B 193 -4.89 8.26 -9.50
CA GLU B 193 -4.00 7.33 -8.84
C GLU B 193 -3.48 7.95 -7.55
N GLY B 194 -3.01 9.20 -7.66
CA GLY B 194 -2.49 9.91 -6.51
C GLY B 194 -3.51 10.04 -5.40
N ARG B 195 -4.73 10.42 -5.76
CA ARG B 195 -5.79 10.58 -4.77
C ARG B 195 -6.24 9.27 -4.19
N ASN B 196 -6.32 8.23 -5.05
CA ASN B 196 -6.72 6.91 -4.61
C ASN B 196 -5.70 6.29 -3.63
N ALA B 197 -4.44 6.70 -3.76
CA ALA B 197 -3.34 6.22 -2.91
C ALA B 197 -3.15 7.09 -1.66
N GLY B 198 -3.96 8.13 -1.52
CA GLY B 198 -3.88 9.00 -0.37
C GLY B 198 -2.63 9.87 -0.32
N MET B 199 -2.13 10.30 -1.47
CA MET B 199 -0.96 11.14 -1.47
C MET B 199 -1.22 12.53 -2.01
N TRP B 200 -0.21 13.40 -1.93
CA TRP B 200 -0.34 14.76 -2.44
C TRP B 200 -0.28 14.65 -3.95
N THR B 201 -1.39 14.98 -4.61
CA THR B 201 -1.49 14.88 -6.05
C THR B 201 -1.26 16.18 -6.80
N VAL B 202 -0.30 16.16 -7.72
CA VAL B 202 0.05 17.33 -8.51
C VAL B 202 0.09 17.04 -10.02
N GLY B 203 -0.55 17.92 -10.79
CA GLY B 203 -0.57 17.76 -12.23
C GLY B 203 0.34 18.73 -12.96
N VAL B 204 1.13 18.19 -13.90
CA VAL B 204 2.03 18.99 -14.71
C VAL B 204 1.26 19.32 -15.99
N ILE B 205 1.33 20.56 -16.46
CA ILE B 205 0.59 20.96 -17.66
C ILE B 205 1.34 20.95 -18.99
N LEU B 206 2.41 21.73 -19.09
CA LEU B 206 3.15 21.78 -20.34
C LEU B 206 3.93 20.50 -20.58
N GLY B 207 3.47 19.71 -21.54
CA GLY B 207 4.13 18.46 -21.85
C GLY B 207 3.25 17.28 -21.47
N SER B 208 2.11 17.60 -20.87
CA SER B 208 1.16 16.56 -20.45
C SER B 208 0.36 16.02 -21.62
N SER B 209 -0.12 14.79 -21.47
CA SER B 209 -0.96 14.17 -22.49
C SER B 209 -2.27 14.97 -22.56
N GLU B 210 -2.66 15.56 -21.44
CA GLU B 210 -3.88 16.34 -21.39
C GLU B 210 -3.79 17.58 -22.28
N LEU B 211 -2.58 18.13 -22.45
CA LEU B 211 -2.42 19.28 -23.32
C LEU B 211 -2.41 18.79 -24.76
N GLY B 212 -1.68 17.70 -24.98
CA GLY B 212 -1.60 17.10 -26.30
C GLY B 212 -0.75 17.81 -27.31
N LEU B 213 -0.09 18.89 -26.88
CA LEU B 213 0.76 19.68 -27.76
C LEU B 213 2.25 19.36 -27.59
N THR B 214 2.99 19.47 -28.69
CA THR B 214 4.44 19.23 -28.67
C THR B 214 5.10 20.53 -28.20
N GLU B 215 6.42 20.52 -28.09
CA GLU B 215 7.15 21.70 -27.66
C GLU B 215 7.00 22.84 -28.66
N GLU B 216 7.21 22.53 -29.94
CA GLU B 216 7.09 23.53 -30.99
C GLU B 216 5.70 24.15 -31.04
N GLU B 217 4.68 23.31 -30.94
CA GLU B 217 3.29 23.79 -30.96
C GLU B 217 3.02 24.74 -29.80
N VAL B 218 3.71 24.52 -28.68
CA VAL B 218 3.55 25.37 -27.50
C VAL B 218 4.13 26.76 -27.70
N GLU B 219 5.34 26.83 -28.27
CA GLU B 219 6.00 28.10 -28.52
C GLU B 219 5.44 28.86 -29.72
N ASN B 220 5.18 28.13 -30.81
CA ASN B 220 4.64 28.70 -32.04
C ASN B 220 3.17 29.07 -31.90
N MET B 221 2.64 29.00 -30.69
CA MET B 221 1.25 29.32 -30.43
C MET B 221 1.04 30.66 -29.74
N ASP B 222 -0.06 31.34 -30.07
CA ASP B 222 -0.40 32.63 -29.48
C ASP B 222 -0.50 32.52 -27.96
N SER B 223 0.01 33.54 -27.27
CA SER B 223 -0.01 33.57 -25.80
C SER B 223 -1.42 33.55 -25.22
N VAL B 224 -2.41 33.91 -26.03
CA VAL B 224 -3.80 33.91 -25.56
C VAL B 224 -4.39 32.51 -25.64
N GLU B 225 -4.06 31.79 -26.72
CA GLU B 225 -4.54 30.43 -26.93
C GLU B 225 -3.86 29.46 -25.97
N LEU B 226 -2.56 29.65 -25.75
CA LEU B 226 -1.81 28.79 -24.84
C LEU B 226 -2.40 28.93 -23.43
N ARG B 227 -2.45 30.16 -22.92
CA ARG B 227 -3.01 30.40 -21.59
C ARG B 227 -4.50 30.09 -21.56
N GLU B 228 -5.00 29.53 -22.65
CA GLU B 228 -6.40 29.15 -22.77
C GLU B 228 -6.45 27.64 -22.55
N LYS B 229 -5.58 26.92 -23.28
CA LYS B 229 -5.50 25.47 -23.19
C LYS B 229 -4.88 25.02 -21.87
N ILE B 230 -3.97 25.84 -21.34
CA ILE B 230 -3.32 25.55 -20.07
C ILE B 230 -4.36 25.59 -18.97
N GLU B 231 -5.28 26.55 -19.06
CA GLU B 231 -6.33 26.67 -18.05
C GLU B 231 -7.35 25.53 -18.17
N VAL B 232 -7.51 24.99 -19.37
CA VAL B 232 -8.44 23.88 -19.58
C VAL B 232 -7.84 22.67 -18.87
N VAL B 233 -6.57 22.41 -19.11
CA VAL B 233 -5.87 21.29 -18.49
C VAL B 233 -5.78 21.45 -16.99
N ARG B 234 -5.42 22.66 -16.55
CA ARG B 234 -5.29 22.97 -15.14
C ARG B 234 -6.61 22.68 -14.42
N ASN B 235 -7.70 23.13 -15.03
CA ASN B 235 -9.03 22.91 -14.48
C ASN B 235 -9.40 21.43 -14.52
N ARG B 236 -8.89 20.71 -15.52
CA ARG B 236 -9.18 19.28 -15.67
C ARG B 236 -8.50 18.51 -14.56
N PHE B 237 -7.22 18.79 -14.35
CA PHE B 237 -6.42 18.17 -13.29
C PHE B 237 -7.08 18.38 -11.94
N VAL B 238 -7.41 19.64 -11.64
CA VAL B 238 -8.03 19.98 -10.37
C VAL B 238 -9.41 19.35 -10.19
N GLU B 239 -10.28 19.43 -11.20
CA GLU B 239 -11.60 18.81 -11.09
C GLU B 239 -11.49 17.31 -10.85
N ASN B 240 -10.30 16.77 -11.12
CA ASN B 240 -10.05 15.33 -10.94
C ASN B 240 -9.21 14.97 -9.71
N GLY B 241 -9.25 15.82 -8.70
CA GLY B 241 -8.56 15.54 -7.47
C GLY B 241 -7.23 16.18 -7.19
N ALA B 242 -6.57 16.75 -8.21
CA ALA B 242 -5.27 17.37 -8.00
C ALA B 242 -5.35 18.44 -6.91
N HIS B 243 -4.44 18.35 -5.95
CA HIS B 243 -4.38 19.31 -4.86
C HIS B 243 -3.77 20.58 -5.45
N PHE B 244 -2.70 20.37 -6.21
CA PHE B 244 -1.98 21.46 -6.83
C PHE B 244 -1.68 21.15 -8.28
N THR B 245 -1.52 22.21 -9.05
CA THR B 245 -1.20 22.10 -10.47
C THR B 245 0.01 22.98 -10.73
N ILE B 246 0.86 22.54 -11.64
CA ILE B 246 2.03 23.31 -12.00
C ILE B 246 2.18 23.29 -13.51
N GLU B 247 2.50 24.45 -14.09
CA GLU B 247 2.67 24.55 -15.53
C GLU B 247 3.88 23.75 -15.97
N THR B 248 4.95 23.81 -15.17
CA THR B 248 6.18 23.09 -15.47
C THR B 248 6.72 22.51 -14.16
N MET B 249 7.61 21.52 -14.26
CA MET B 249 8.17 20.87 -13.08
C MET B 249 8.95 21.77 -12.13
N GLN B 250 9.41 22.93 -12.63
CA GLN B 250 10.18 23.88 -11.82
C GLN B 250 9.35 24.56 -10.73
N GLU B 251 8.10 24.14 -10.59
CA GLU B 251 7.21 24.70 -9.57
C GLU B 251 6.93 23.68 -8.47
N LEU B 252 7.37 22.44 -8.68
CA LEU B 252 7.17 21.35 -7.72
C LEU B 252 7.75 21.69 -6.35
N GLU B 253 9.00 22.15 -6.35
CA GLU B 253 9.71 22.50 -5.11
C GLU B 253 8.89 23.44 -4.23
N SER B 254 8.29 24.47 -4.83
CA SER B 254 7.47 25.44 -4.11
C SER B 254 6.22 24.77 -3.53
N VAL B 255 5.61 23.90 -4.32
CA VAL B 255 4.41 23.18 -3.89
C VAL B 255 4.73 22.39 -2.63
N MET B 256 5.89 21.75 -2.62
CA MET B 256 6.35 20.97 -1.46
C MET B 256 6.46 21.86 -0.23
N GLU B 257 7.26 22.91 -0.37
CA GLU B 257 7.50 23.86 0.72
C GLU B 257 6.19 24.43 1.24
N HIS B 258 5.24 24.60 0.33
CA HIS B 258 3.92 25.12 0.68
C HIS B 258 3.23 24.11 1.59
N ILE B 259 3.27 22.84 1.19
CA ILE B 259 2.66 21.74 1.93
C ILE B 259 3.27 21.54 3.32
N GLU B 260 4.58 21.76 3.43
CA GLU B 260 5.29 21.61 4.70
C GLU B 260 4.63 22.44 5.80
N LYS B 261 4.03 23.56 5.41
CA LYS B 261 3.32 24.46 6.33
C LYS B 261 1.89 23.97 6.56
MG MG C . -1.63 -8.95 17.37
C1 POA D . -0.24 -12.93 15.31
C2 POA D . 1.26 -12.87 15.71
O2 POA D . 1.65 -12.10 16.63
O1P POA D . -1.84 -10.76 15.92
O2P POA D . 0.43 -10.16 15.05
O3P POA D . -1.48 -11.10 13.43
P POA D . -0.82 -11.18 14.92
MG MG E . 1.00 9.39 -17.35
C1 POA F . 4.09 6.34 -17.89
C2 POA F . 3.47 5.36 -18.89
O2 POA F . 3.43 5.69 -20.06
O1P POA F . 3.10 8.90 -17.44
O2P POA F . 1.32 7.10 -17.66
O3P POA F . 2.81 7.39 -15.52
P POA F . 2.81 7.47 -17.11
#